data_1GPS
#
_entry.id   1GPS
#
_cell.length_a   1.000
_cell.length_b   1.000
_cell.length_c   1.000
_cell.angle_alpha   90.00
_cell.angle_beta   90.00
_cell.angle_gamma   90.00
#
_symmetry.space_group_name_H-M   'P 1'
#
_entity_poly.entity_id   1
_entity_poly.type   'polypeptide(L)'
_entity_poly.pdbx_seq_one_letter_code
;KICRRRSAGFKGPCMSNKNCAQVCQQEGWGGGNCDGPFRRCKCIRQC
;
_entity_poly.pdbx_strand_id   A
#
# COMPACT_ATOMS: atom_id res chain seq x y z
N LYS A 1 -4.91 -2.95 16.67
CA LYS A 1 -3.71 -2.75 15.84
C LYS A 1 -3.83 -2.60 14.34
N ILE A 2 -3.29 -1.45 14.01
CA ILE A 2 -3.24 -0.99 12.62
C ILE A 2 -1.80 -1.19 12.16
N CYS A 3 -1.77 -2.08 11.18
CA CYS A 3 -0.55 -2.41 10.45
C CYS A 3 -0.49 -1.59 9.15
N ARG A 4 0.47 -0.69 9.23
CA ARG A 4 0.77 0.27 8.16
C ARG A 4 2.20 0.10 7.62
N ARG A 5 2.36 -0.97 6.86
CA ARG A 5 3.67 -1.32 6.28
C ARG A 5 3.76 -1.10 4.77
N ARG A 6 4.99 -0.90 4.32
CA ARG A 6 5.23 -0.62 2.89
C ARG A 6 5.43 -1.87 2.04
N SER A 7 4.77 -1.78 0.88
CA SER A 7 4.78 -2.80 -0.18
C SER A 7 6.16 -3.24 -0.67
N ALA A 8 6.55 -4.40 -0.16
CA ALA A 8 7.69 -5.17 -0.69
C ALA A 8 7.22 -6.04 -1.86
N GLY A 9 7.38 -5.46 -3.05
CA GLY A 9 6.91 -6.02 -4.33
C GLY A 9 6.67 -4.88 -5.34
N PHE A 10 5.96 -3.87 -4.87
CA PHE A 10 5.65 -2.67 -5.68
C PHE A 10 6.85 -1.70 -5.75
N LYS A 11 7.63 -1.96 -6.78
CA LYS A 11 8.85 -1.20 -7.09
C LYS A 11 8.53 0.03 -7.96
N GLY A 12 8.51 1.17 -7.26
CA GLY A 12 8.47 2.50 -7.91
C GLY A 12 7.19 3.32 -7.67
N PRO A 13 6.87 4.25 -8.59
CA PRO A 13 5.72 5.18 -8.45
C PRO A 13 4.35 4.49 -8.51
N CYS A 14 3.72 4.40 -7.33
CA CYS A 14 2.34 3.86 -7.19
C CYS A 14 1.25 4.71 -7.86
N MET A 15 1.49 6.02 -7.90
CA MET A 15 0.72 7.09 -8.57
C MET A 15 -0.71 7.39 -8.11
N SER A 16 -1.41 6.35 -7.69
CA SER A 16 -2.77 6.46 -7.14
C SER A 16 -2.97 5.41 -6.03
N ASN A 17 -3.71 5.86 -5.03
CA ASN A 17 -4.21 5.02 -3.93
C ASN A 17 -4.74 3.65 -4.37
N LYS A 18 -5.50 3.67 -5.46
CA LYS A 18 -6.17 2.48 -6.02
C LYS A 18 -5.16 1.42 -6.50
N ASN A 19 -4.16 1.88 -7.24
CA ASN A 19 -3.03 1.05 -7.70
C ASN A 19 -2.25 0.37 -6.57
N CYS A 20 -1.92 1.17 -5.54
CA CYS A 20 -1.30 0.69 -4.29
C CYS A 20 -2.15 -0.39 -3.60
N ALA A 21 -3.41 -0.02 -3.34
CA ALA A 21 -4.43 -0.87 -2.70
C ALA A 21 -4.66 -2.23 -3.39
N GLN A 22 -4.60 -2.24 -4.71
CA GLN A 22 -4.79 -3.47 -5.51
C GLN A 22 -3.68 -4.51 -5.30
N VAL A 23 -2.43 -4.05 -5.35
CA VAL A 23 -1.23 -4.89 -5.10
C VAL A 23 -1.24 -5.42 -3.66
N CYS A 24 -1.62 -4.53 -2.75
CA CYS A 24 -1.72 -4.87 -1.32
C CYS A 24 -2.78 -5.91 -0.96
N GLN A 25 -3.92 -5.85 -1.65
CA GLN A 25 -4.95 -6.91 -1.54
C GLN A 25 -4.47 -8.29 -2.01
N GLN A 26 -3.65 -8.29 -3.05
CA GLN A 26 -2.88 -9.48 -3.50
C GLN A 26 -1.87 -9.93 -2.42
N GLU A 27 -1.16 -8.95 -1.84
CA GLU A 27 -0.04 -9.18 -0.92
C GLU A 27 -0.43 -9.30 0.58
N GLY A 28 -1.71 -9.59 0.83
CA GLY A 28 -2.25 -9.93 2.17
C GLY A 28 -2.73 -8.77 3.05
N TRP A 29 -2.81 -7.58 2.47
CA TRP A 29 -3.26 -6.34 3.15
C TRP A 29 -4.69 -6.00 2.74
N GLY A 30 -5.42 -5.49 3.73
CA GLY A 30 -6.84 -5.07 3.61
C GLY A 30 -7.09 -3.84 2.73
N GLY A 31 -6.02 -3.09 2.43
CA GLY A 31 -6.06 -1.87 1.60
C GLY A 31 -4.67 -1.21 1.55
N GLY A 32 -4.64 0.00 1.02
CA GLY A 32 -3.39 0.78 0.94
C GLY A 32 -3.53 2.15 0.26
N ASN A 33 -2.65 3.03 0.70
CA ASN A 33 -2.52 4.38 0.14
C ASN A 33 -1.10 4.66 -0.37
N CYS A 34 -1.07 5.58 -1.31
CA CYS A 34 0.11 5.98 -2.07
C CYS A 34 0.63 7.30 -1.49
N ASP A 35 1.74 7.17 -0.77
CA ASP A 35 2.31 8.16 0.16
C ASP A 35 3.30 9.15 -0.49
N GLY A 36 3.14 10.40 -0.04
CA GLY A 36 4.05 11.52 -0.34
C GLY A 36 3.84 12.01 -1.78
N PRO A 37 4.91 12.15 -2.58
CA PRO A 37 4.80 12.41 -4.03
C PRO A 37 4.41 11.14 -4.84
N PHE A 38 3.57 10.29 -4.25
CA PHE A 38 2.99 9.09 -4.89
C PHE A 38 3.96 8.00 -5.41
N ARG A 39 5.09 7.85 -4.70
CA ARG A 39 5.98 6.70 -4.94
C ARG A 39 5.72 5.55 -3.96
N ARG A 40 5.93 5.80 -2.67
CA ARG A 40 5.79 4.76 -1.62
C ARG A 40 4.35 4.32 -1.39
N CYS A 41 4.14 3.03 -1.62
CA CYS A 41 2.87 2.35 -1.34
C CYS A 41 2.88 1.77 0.08
N LYS A 42 2.11 2.44 0.93
CA LYS A 42 1.95 2.08 2.34
C LYS A 42 0.55 1.59 2.62
N CYS A 43 0.55 0.36 3.10
CA CYS A 43 -0.66 -0.47 3.17
C CYS A 43 -1.17 -0.80 4.55
N ILE A 44 -2.50 -0.83 4.57
CA ILE A 44 -3.31 -1.00 5.78
C ILE A 44 -3.77 -2.44 5.96
N ARG A 45 -3.78 -2.78 7.24
CA ARG A 45 -4.30 -4.06 7.77
C ARG A 45 -4.58 -3.91 9.27
N GLN A 46 -5.44 -4.79 9.76
CA GLN A 46 -5.72 -4.92 11.20
C GLN A 46 -4.95 -6.09 11.79
N CYS A 47 -3.93 -5.73 12.57
CA CYS A 47 -3.09 -6.69 13.31
C CYS A 47 -3.65 -7.13 14.68
N LYS A 1 -2.70 -4.23 16.85
CA LYS A 1 -1.65 -3.52 16.10
C LYS A 1 -2.08 -3.21 14.65
N ILE A 2 -1.48 -2.18 14.09
CA ILE A 2 -1.74 -1.81 12.69
C ILE A 2 -0.43 -1.99 11.90
N CYS A 3 -0.52 -2.81 10.86
CA CYS A 3 0.59 -2.95 9.90
C CYS A 3 0.38 -1.96 8.76
N ARG A 4 0.93 -0.79 9.03
CA ARG A 4 1.02 0.31 8.05
C ARG A 4 2.47 0.32 7.53
N ARG A 5 2.65 -0.58 6.58
CA ARG A 5 3.95 -0.77 5.92
C ARG A 5 3.88 -0.38 4.45
N ARG A 6 5.01 0.13 3.98
CA ARG A 6 5.29 0.18 2.53
C ARG A 6 5.14 -1.23 1.93
N SER A 7 4.28 -1.28 0.92
CA SER A 7 3.91 -2.53 0.24
C SER A 7 5.12 -3.38 -0.17
N ALA A 8 5.12 -4.62 0.31
CA ALA A 8 6.13 -5.64 -0.03
C ALA A 8 5.83 -6.34 -1.37
N GLY A 9 5.22 -5.56 -2.26
CA GLY A 9 4.76 -5.97 -3.60
C GLY A 9 4.85 -4.78 -4.56
N PHE A 10 4.13 -3.72 -4.19
CA PHE A 10 4.20 -2.41 -4.86
C PHE A 10 5.29 -1.58 -4.15
N LYS A 11 6.52 -1.92 -4.51
CA LYS A 11 7.70 -1.35 -3.84
C LYS A 11 8.09 0.05 -4.31
N GLY A 12 7.49 0.97 -3.56
CA GLY A 12 7.71 2.42 -3.68
C GLY A 12 6.67 3.11 -4.59
N PRO A 13 7.09 3.56 -5.78
CA PRO A 13 6.36 4.56 -6.59
C PRO A 13 4.90 4.25 -6.93
N CYS A 14 4.06 5.06 -6.31
CA CYS A 14 2.60 4.92 -6.45
C CYS A 14 1.97 6.03 -7.31
N MET A 15 2.15 5.80 -8.61
CA MET A 15 1.54 6.62 -9.69
C MET A 15 0.01 6.48 -9.80
N SER A 16 -0.52 5.60 -8.96
CA SER A 16 -1.95 5.30 -8.83
C SER A 16 -2.19 4.69 -7.44
N ASN A 17 -2.99 5.42 -6.70
CA ASN A 17 -3.46 5.02 -5.35
C ASN A 17 -4.32 3.74 -5.34
N LYS A 18 -5.23 3.66 -6.32
CA LYS A 18 -6.15 2.54 -6.49
C LYS A 18 -5.39 1.22 -6.70
N ASN A 19 -4.39 1.29 -7.58
CA ASN A 19 -3.47 0.17 -7.88
C ASN A 19 -2.64 -0.29 -6.69
N CYS A 20 -2.18 0.68 -5.90
CA CYS A 20 -1.45 0.42 -4.64
C CYS A 20 -2.33 -0.39 -3.66
N ALA A 21 -3.57 0.04 -3.52
CA ALA A 21 -4.61 -0.70 -2.78
C ALA A 21 -4.90 -2.10 -3.36
N GLN A 22 -5.11 -2.18 -4.67
CA GLN A 22 -5.43 -3.45 -5.38
C GLN A 22 -4.33 -4.52 -5.34
N VAL A 23 -3.09 -4.10 -5.58
CA VAL A 23 -1.90 -4.97 -5.40
C VAL A 23 -1.83 -5.46 -3.95
N CYS A 24 -1.97 -4.54 -3.00
CA CYS A 24 -2.03 -4.87 -1.57
C CYS A 24 -3.13 -5.86 -1.17
N GLN A 25 -4.30 -5.73 -1.79
CA GLN A 25 -5.42 -6.69 -1.61
C GLN A 25 -5.13 -8.09 -2.15
N GLN A 26 -4.38 -8.14 -3.26
CA GLN A 26 -3.87 -9.38 -3.86
C GLN A 26 -2.66 -9.95 -3.09
N GLU A 27 -1.95 -9.08 -2.36
CA GLU A 27 -0.70 -9.39 -1.63
C GLU A 27 -0.92 -9.94 -0.20
N GLY A 28 -2.07 -9.61 0.39
CA GLY A 28 -2.48 -10.07 1.74
C GLY A 28 -2.68 -8.94 2.75
N TRP A 29 -2.91 -7.74 2.22
CA TRP A 29 -3.21 -6.50 2.96
C TRP A 29 -4.68 -6.13 2.74
N GLY A 30 -5.26 -5.53 3.78
CA GLY A 30 -6.67 -5.11 3.79
C GLY A 30 -6.96 -3.74 3.16
N GLY A 31 -6.05 -3.27 2.29
CA GLY A 31 -6.19 -1.98 1.59
C GLY A 31 -4.85 -1.22 1.50
N GLY A 32 -4.94 0.00 0.97
CA GLY A 32 -3.79 0.90 0.93
C GLY A 32 -4.04 2.22 0.20
N ASN A 33 -3.03 3.07 0.35
CA ASN A 33 -3.02 4.43 -0.20
C ASN A 33 -1.62 4.83 -0.68
N CYS A 34 -1.62 5.89 -1.46
CA CYS A 34 -0.40 6.62 -1.83
C CYS A 34 -0.37 7.86 -0.93
N ASP A 35 0.58 7.84 0.00
CA ASP A 35 0.63 8.78 1.13
C ASP A 35 1.65 9.90 0.92
N GLY A 36 1.12 11.12 0.80
CA GLY A 36 1.90 12.38 0.73
C GLY A 36 2.57 12.60 -0.64
N PRO A 37 3.87 12.31 -0.76
CA PRO A 37 4.53 12.25 -2.09
C PRO A 37 4.13 10.96 -2.80
N PHE A 38 4.08 11.03 -4.12
CA PHE A 38 3.67 9.88 -4.97
C PHE A 38 4.78 8.85 -5.26
N ARG A 39 5.47 8.55 -4.16
CA ARG A 39 6.56 7.57 -4.07
C ARG A 39 6.34 6.40 -3.10
N ARG A 40 5.54 6.60 -2.06
CA ARG A 40 5.30 5.54 -1.07
C ARG A 40 3.86 5.08 -0.98
N CYS A 41 3.79 3.79 -1.24
CA CYS A 41 2.57 2.97 -1.18
C CYS A 41 2.45 2.36 0.23
N LYS A 42 1.73 3.08 1.08
CA LYS A 42 1.48 2.63 2.47
C LYS A 42 0.19 1.82 2.55
N CYS A 43 0.40 0.55 2.87
CA CYS A 43 -0.68 -0.44 2.92
C CYS A 43 -1.04 -0.88 4.34
N ILE A 44 -2.34 -1.03 4.49
CA ILE A 44 -2.99 -1.28 5.80
C ILE A 44 -3.44 -2.72 6.02
N ARG A 45 -3.22 -3.12 7.26
CA ARG A 45 -3.54 -4.46 7.78
C ARG A 45 -3.73 -4.38 9.30
N GLN A 46 -4.75 -5.09 9.75
CA GLN A 46 -5.04 -5.22 11.20
C GLN A 46 -4.29 -6.44 11.73
N CYS A 47 -3.16 -6.10 12.35
CA CYS A 47 -2.15 -7.06 12.84
C CYS A 47 -2.23 -7.46 14.32
N LYS A 1 -4.25 -1.51 16.95
CA LYS A 1 -2.99 -1.64 16.23
C LYS A 1 -3.11 -1.75 14.71
N ILE A 2 -2.42 -0.80 14.14
CA ILE A 2 -2.41 -0.57 12.70
C ILE A 2 -1.05 -1.03 12.18
N CYS A 3 -1.14 -2.02 11.31
CA CYS A 3 0.00 -2.47 10.52
C CYS A 3 -0.03 -1.64 9.24
N ARG A 4 0.91 -0.70 9.21
CA ARG A 4 1.00 0.23 8.09
C ARG A 4 2.42 0.29 7.57
N ARG A 5 2.56 -0.43 6.46
CA ARG A 5 3.86 -0.65 5.84
C ARG A 5 3.84 -0.59 4.32
N ARG A 6 4.98 -0.14 3.82
CA ARG A 6 5.34 -0.23 2.39
C ARG A 6 5.04 -1.60 1.78
N SER A 7 4.75 -1.49 0.49
CA SER A 7 4.32 -2.64 -0.30
C SER A 7 5.50 -3.51 -0.76
N ALA A 8 5.58 -4.66 -0.11
CA ALA A 8 6.46 -5.77 -0.53
C ALA A 8 6.05 -6.45 -1.87
N GLY A 9 5.61 -5.61 -2.79
CA GLY A 9 5.16 -5.96 -4.16
C GLY A 9 5.20 -4.75 -5.09
N PHE A 10 4.57 -3.67 -4.66
CA PHE A 10 4.60 -2.39 -5.38
C PHE A 10 5.73 -1.51 -4.84
N LYS A 11 6.71 -1.26 -5.71
CA LYS A 11 7.90 -0.49 -5.33
C LYS A 11 7.91 0.95 -5.87
N GLY A 12 7.52 1.84 -4.97
CA GLY A 12 7.75 3.29 -5.11
C GLY A 12 6.53 4.11 -5.54
N PRO A 13 6.69 4.97 -6.57
CA PRO A 13 5.71 6.01 -6.96
C PRO A 13 4.32 5.46 -7.26
N CYS A 14 3.45 5.62 -6.27
CA CYS A 14 2.02 5.25 -6.30
C CYS A 14 1.15 6.19 -7.16
N MET A 15 1.59 6.38 -8.40
CA MET A 15 0.93 7.22 -9.41
C MET A 15 -0.47 6.69 -9.76
N SER A 16 -0.52 5.37 -9.96
CA SER A 16 -1.72 4.59 -10.31
C SER A 16 -2.44 4.01 -9.07
N ASN A 17 -2.58 4.80 -8.01
CA ASN A 17 -3.23 4.47 -6.71
C ASN A 17 -4.01 3.16 -6.53
N LYS A 18 -5.03 2.98 -7.35
CA LYS A 18 -5.86 1.76 -7.39
C LYS A 18 -5.00 0.47 -7.44
N ASN A 19 -3.97 0.49 -8.29
CA ASN A 19 -3.01 -0.60 -8.49
C ASN A 19 -2.13 -0.86 -7.26
N CYS A 20 -1.78 0.23 -6.58
CA CYS A 20 -1.09 0.18 -5.27
C CYS A 20 -1.96 -0.56 -4.22
N ALA A 21 -3.24 -0.19 -4.14
CA ALA A 21 -4.23 -0.90 -3.30
C ALA A 21 -4.46 -2.36 -3.70
N GLN A 22 -4.61 -2.57 -5.00
CA GLN A 22 -4.80 -3.91 -5.61
C GLN A 22 -3.66 -4.88 -5.26
N VAL A 23 -2.41 -4.45 -5.43
CA VAL A 23 -1.23 -5.26 -5.04
C VAL A 23 -1.28 -5.63 -3.55
N CYS A 24 -1.43 -4.61 -2.71
CA CYS A 24 -1.55 -4.80 -1.26
C CYS A 24 -2.68 -5.76 -0.80
N GLN A 25 -3.85 -5.61 -1.41
CA GLN A 25 -5.00 -6.51 -1.19
C GLN A 25 -4.72 -7.98 -1.58
N GLN A 26 -4.12 -8.14 -2.75
CA GLN A 26 -3.65 -9.41 -3.33
C GLN A 26 -2.55 -10.09 -2.48
N GLU A 27 -1.75 -9.23 -1.85
CA GLU A 27 -0.60 -9.55 -1.00
C GLU A 27 -0.94 -10.02 0.42
N GLY A 28 -2.05 -9.49 0.93
CA GLY A 28 -2.58 -9.75 2.28
C GLY A 28 -2.71 -8.51 3.18
N TRP A 29 -3.12 -7.39 2.58
CA TRP A 29 -3.38 -6.10 3.26
C TRP A 29 -4.85 -5.72 3.04
N GLY A 30 -5.32 -4.77 3.85
CA GLY A 30 -6.71 -4.29 3.81
C GLY A 30 -6.87 -2.94 3.09
N GLY A 31 -6.01 -2.71 2.10
CA GLY A 31 -5.93 -1.45 1.33
C GLY A 31 -4.50 -0.89 1.31
N GLY A 32 -4.39 0.26 0.66
CA GLY A 32 -3.17 1.11 0.72
C GLY A 32 -2.97 1.92 -0.56
N ASN A 33 -2.53 3.15 -0.38
CA ASN A 33 -2.32 4.08 -1.51
C ASN A 33 -1.10 4.99 -1.23
N CYS A 34 -1.20 6.26 -1.58
CA CYS A 34 -0.14 7.25 -1.32
C CYS A 34 -0.25 7.77 0.13
N ASP A 35 0.21 6.90 1.02
CA ASP A 35 0.08 7.10 2.48
C ASP A 35 1.44 7.43 3.13
N GLY A 36 1.40 8.53 3.87
CA GLY A 36 2.59 9.10 4.54
C GLY A 36 3.48 9.81 3.51
N PRO A 37 4.62 9.22 3.12
CA PRO A 37 5.40 9.70 1.97
C PRO A 37 4.59 9.45 0.69
N PHE A 38 4.32 10.56 -0.01
CA PHE A 38 3.51 10.56 -1.24
C PHE A 38 4.00 9.61 -2.34
N ARG A 39 5.30 9.36 -2.40
CA ARG A 39 5.89 8.55 -3.49
C ARG A 39 6.23 7.11 -3.09
N ARG A 40 5.37 6.61 -2.21
CA ARG A 40 5.48 5.24 -1.72
C ARG A 40 4.10 4.64 -1.49
N CYS A 41 3.89 3.54 -2.20
CA CYS A 41 2.77 2.63 -1.91
C CYS A 41 2.95 2.06 -0.50
N LYS A 42 2.17 2.67 0.38
CA LYS A 42 2.17 2.34 1.81
C LYS A 42 0.76 1.88 2.21
N CYS A 43 0.79 0.67 2.72
CA CYS A 43 -0.41 -0.16 2.85
C CYS A 43 -0.81 -0.47 4.30
N ILE A 44 -2.12 -0.62 4.40
CA ILE A 44 -2.83 -0.72 5.69
C ILE A 44 -3.45 -2.09 5.92
N ARG A 45 -3.52 -2.40 7.20
CA ARG A 45 -4.17 -3.60 7.74
C ARG A 45 -4.46 -3.37 9.22
N GLN A 46 -5.54 -4.02 9.65
CA GLN A 46 -5.91 -4.08 11.08
C GLN A 46 -5.19 -5.27 11.72
N CYS A 47 -4.28 -4.93 12.62
CA CYS A 47 -3.54 -5.91 13.43
C CYS A 47 -4.05 -5.97 14.89
N LYS A 1 -4.70 -2.91 17.10
CA LYS A 1 -3.66 -2.16 16.36
C LYS A 1 -3.67 -2.44 14.83
N ILE A 2 -3.02 -1.53 14.12
CA ILE A 2 -3.02 -1.59 12.64
C ILE A 2 -1.64 -2.05 12.17
N CYS A 3 -1.66 -3.06 11.32
CA CYS A 3 -0.48 -3.43 10.53
C CYS A 3 -0.41 -2.49 9.31
N ARG A 4 0.55 -1.59 9.46
CA ARG A 4 0.84 -0.63 8.40
C ARG A 4 2.27 -0.68 7.89
N ARG A 5 2.39 -1.43 6.82
CA ARG A 5 3.71 -1.80 6.28
C ARG A 5 3.83 -1.49 4.79
N ARG A 6 5.09 -1.41 4.36
CA ARG A 6 5.37 -1.06 2.96
C ARG A 6 5.46 -2.28 2.05
N SER A 7 4.53 -2.21 1.11
CA SER A 7 4.36 -3.20 0.03
C SER A 7 5.67 -3.48 -0.70
N ALA A 8 6.23 -4.64 -0.36
CA ALA A 8 7.44 -5.17 -1.03
C ALA A 8 7.24 -5.47 -2.53
N GLY A 9 5.98 -5.67 -2.93
CA GLY A 9 5.59 -5.99 -4.31
C GLY A 9 5.23 -4.74 -5.16
N PHE A 10 5.64 -3.56 -4.71
CA PHE A 10 5.32 -2.31 -5.41
C PHE A 10 6.58 -1.54 -5.79
N LYS A 11 6.64 -1.31 -7.11
CA LYS A 11 7.71 -0.59 -7.78
C LYS A 11 7.41 0.87 -8.10
N GLY A 12 8.02 1.73 -7.30
CA GLY A 12 8.17 3.16 -7.59
C GLY A 12 6.84 3.96 -7.54
N PRO A 13 6.41 4.54 -8.67
CA PRO A 13 5.40 5.60 -8.68
C PRO A 13 3.93 5.18 -8.47
N CYS A 14 3.46 5.40 -7.25
CA CYS A 14 2.02 5.33 -6.93
C CYS A 14 1.33 6.69 -6.99
N MET A 15 1.03 7.09 -8.23
CA MET A 15 0.28 8.32 -8.51
C MET A 15 -1.19 8.30 -8.06
N SER A 16 -1.66 7.09 -7.73
CA SER A 16 -2.96 6.86 -7.09
C SER A 16 -2.79 5.84 -5.96
N ASN A 17 -3.50 6.08 -4.86
CA ASN A 17 -3.62 5.09 -3.77
C ASN A 17 -4.27 3.78 -4.24
N LYS A 18 -5.07 3.88 -5.29
CA LYS A 18 -5.69 2.74 -5.99
C LYS A 18 -4.64 1.76 -6.54
N ASN A 19 -3.59 2.28 -7.16
CA ASN A 19 -2.44 1.48 -7.65
C ASN A 19 -1.71 0.70 -6.53
N CYS A 20 -1.64 1.32 -5.36
CA CYS A 20 -1.07 0.74 -4.12
C CYS A 20 -1.99 -0.32 -3.48
N ALA A 21 -3.28 0.00 -3.36
CA ALA A 21 -4.33 -0.93 -2.89
C ALA A 21 -4.44 -2.19 -3.76
N GLN A 22 -4.31 -2.01 -5.08
CA GLN A 22 -4.29 -3.09 -6.09
C GLN A 22 -3.29 -4.23 -5.76
N VAL A 23 -2.03 -3.85 -5.52
CA VAL A 23 -0.96 -4.80 -5.15
C VAL A 23 -1.22 -5.42 -3.77
N CYS A 24 -1.65 -4.59 -2.82
CA CYS A 24 -1.82 -5.02 -1.43
C CYS A 24 -3.02 -5.94 -1.17
N GLN A 25 -4.08 -5.74 -1.95
CA GLN A 25 -5.26 -6.63 -1.98
C GLN A 25 -4.93 -8.03 -2.52
N GLN A 26 -4.06 -8.07 -3.53
CA GLN A 26 -3.47 -9.29 -4.09
C GLN A 26 -2.52 -10.01 -3.09
N GLU A 27 -1.92 -9.23 -2.20
CA GLU A 27 -0.83 -9.65 -1.29
C GLU A 27 -1.26 -10.03 0.14
N GLY A 28 -2.54 -9.86 0.47
CA GLY A 28 -3.10 -10.29 1.78
C GLY A 28 -3.57 -9.16 2.70
N TRP A 29 -3.24 -7.92 2.34
CA TRP A 29 -3.71 -6.68 3.00
C TRP A 29 -5.11 -6.30 2.49
N GLY A 30 -5.82 -5.58 3.34
CA GLY A 30 -7.20 -5.13 3.08
C GLY A 30 -7.24 -3.66 2.60
N GLY A 31 -6.28 -3.31 1.77
CA GLY A 31 -6.11 -1.94 1.24
C GLY A 31 -4.66 -1.46 1.29
N GLY A 32 -4.50 -0.23 0.80
CA GLY A 32 -3.20 0.45 0.71
C GLY A 32 -3.38 1.87 0.20
N ASN A 33 -2.52 2.73 0.72
CA ASN A 33 -2.45 4.13 0.26
C ASN A 33 -1.01 4.55 -0.02
N CYS A 34 -0.91 5.38 -1.05
CA CYS A 34 0.37 5.98 -1.43
C CYS A 34 0.53 7.25 -0.59
N ASP A 35 1.41 7.13 0.40
CA ASP A 35 1.52 8.13 1.46
C ASP A 35 2.59 9.21 1.24
N GLY A 36 2.05 10.42 1.17
CA GLY A 36 2.81 11.69 1.07
C GLY A 36 3.36 11.89 -0.35
N PRO A 37 4.67 11.73 -0.57
CA PRO A 37 5.26 11.70 -1.92
C PRO A 37 4.67 10.47 -2.63
N PHE A 38 4.27 10.67 -3.89
CA PHE A 38 3.56 9.66 -4.70
C PHE A 38 4.38 8.48 -5.23
N ARG A 39 5.31 8.05 -4.38
CA ARG A 39 6.13 6.84 -4.51
C ARG A 39 6.00 5.82 -3.37
N ARG A 40 5.79 6.27 -2.13
CA ARG A 40 5.75 5.34 -0.99
C ARG A 40 4.37 4.68 -0.92
N CYS A 41 4.39 3.37 -1.04
CA CYS A 41 3.17 2.55 -0.93
C CYS A 41 3.11 1.80 0.40
N LYS A 42 2.39 2.43 1.32
CA LYS A 42 2.03 1.81 2.61
C LYS A 42 0.63 1.21 2.64
N CYS A 43 0.62 0.01 3.18
CA CYS A 43 -0.54 -0.89 3.15
C CYS A 43 -1.04 -1.29 4.53
N ILE A 44 -2.35 -1.49 4.53
CA ILE A 44 -3.17 -1.51 5.75
C ILE A 44 -4.01 -2.77 5.97
N ARG A 45 -4.05 -3.14 7.24
CA ARG A 45 -5.03 -4.09 7.81
C ARG A 45 -5.06 -4.04 9.34
N GLN A 46 -6.26 -4.29 9.84
CA GLN A 46 -6.53 -4.38 11.29
C GLN A 46 -6.00 -5.71 11.84
N CYS A 47 -4.95 -5.57 12.64
CA CYS A 47 -4.21 -6.71 13.24
C CYS A 47 -4.56 -6.98 14.72
N LYS A 1 -1.62 -7.83 16.52
CA LYS A 1 -1.11 -6.49 16.22
C LYS A 1 -1.65 -5.87 14.91
N ILE A 2 -1.66 -4.56 15.00
CA ILE A 2 -1.96 -3.69 13.86
C ILE A 2 -0.67 -3.52 13.06
N CYS A 3 -0.78 -3.98 11.82
CA CYS A 3 0.27 -3.84 10.81
C CYS A 3 0.00 -2.64 9.92
N ARG A 4 0.66 -1.55 10.32
CA ARG A 4 0.64 -0.30 9.54
C ARG A 4 2.04 -0.07 8.98
N ARG A 5 2.16 -0.59 7.77
CA ARG A 5 3.45 -0.74 7.10
C ARG A 5 3.28 -0.35 5.62
N ARG A 6 4.13 -0.93 4.79
CA ARG A 6 4.14 -0.65 3.34
C ARG A 6 3.54 -1.79 2.52
N SER A 7 3.47 -1.54 1.21
CA SER A 7 2.86 -2.39 0.17
C SER A 7 3.45 -3.79 -0.07
N ALA A 8 4.39 -4.17 0.78
CA ALA A 8 5.09 -5.48 0.87
C ALA A 8 5.76 -5.99 -0.41
N GLY A 9 4.96 -6.47 -1.36
CA GLY A 9 5.43 -6.91 -2.69
C GLY A 9 5.47 -5.78 -3.73
N PHE A 10 4.59 -4.79 -3.58
CA PHE A 10 4.55 -3.64 -4.49
C PHE A 10 5.70 -2.66 -4.19
N LYS A 11 6.69 -2.81 -5.05
CA LYS A 11 7.92 -2.02 -5.04
C LYS A 11 8.03 -1.09 -6.23
N GLY A 12 7.89 0.17 -5.86
CA GLY A 12 8.24 1.27 -6.75
C GLY A 12 7.24 2.44 -6.73
N PRO A 13 7.45 3.42 -7.62
CA PRO A 13 6.60 4.62 -7.73
C PRO A 13 5.15 4.27 -8.11
N CYS A 14 4.27 4.55 -7.16
CA CYS A 14 2.82 4.43 -7.32
C CYS A 14 2.21 5.74 -7.86
N MET A 15 2.33 5.91 -9.17
CA MET A 15 1.79 7.13 -9.79
C MET A 15 0.25 7.18 -9.93
N SER A 16 -0.36 6.02 -9.73
CA SER A 16 -1.81 5.88 -9.52
C SER A 16 -2.05 5.42 -8.07
N ASN A 17 -2.59 6.35 -7.29
CA ASN A 17 -3.07 6.11 -5.91
C ASN A 17 -3.93 4.84 -5.80
N LYS A 18 -4.81 4.68 -6.79
CA LYS A 18 -5.68 3.50 -6.98
C LYS A 18 -4.87 2.19 -7.02
N ASN A 19 -3.71 2.23 -7.70
CA ASN A 19 -2.80 1.07 -7.81
C ASN A 19 -2.17 0.64 -6.48
N CYS A 20 -1.80 1.62 -5.64
CA CYS A 20 -1.33 1.34 -4.27
C CYS A 20 -2.34 0.47 -3.50
N ALA A 21 -3.57 0.97 -3.38
CA ALA A 21 -4.64 0.31 -2.61
C ALA A 21 -4.98 -1.07 -3.19
N GLN A 22 -5.09 -1.11 -4.52
CA GLN A 22 -5.45 -2.31 -5.30
C GLN A 22 -4.45 -3.47 -5.17
N VAL A 23 -3.15 -3.17 -5.15
CA VAL A 23 -2.12 -4.22 -4.92
C VAL A 23 -2.13 -4.67 -3.46
N CYS A 24 -2.24 -3.71 -2.54
CA CYS A 24 -2.33 -3.98 -1.09
C CYS A 24 -3.46 -4.94 -0.70
N GLN A 25 -4.65 -4.66 -1.24
CA GLN A 25 -5.86 -5.48 -1.02
C GLN A 25 -5.73 -6.94 -1.47
N GLN A 26 -4.98 -7.09 -2.55
CA GLN A 26 -4.61 -8.38 -3.17
C GLN A 26 -3.47 -9.09 -2.41
N GLU A 27 -2.49 -8.33 -1.92
CA GLU A 27 -1.29 -8.84 -1.25
C GLU A 27 -1.29 -8.80 0.29
N GLY A 28 -2.48 -9.06 0.82
CA GLY A 28 -2.76 -9.24 2.27
C GLY A 28 -2.96 -7.97 3.12
N TRP A 29 -3.41 -6.89 2.50
CA TRP A 29 -3.66 -5.62 3.22
C TRP A 29 -5.12 -5.15 3.04
N GLY A 30 -5.61 -4.45 4.07
CA GLY A 30 -6.98 -3.89 4.09
C GLY A 30 -7.16 -2.71 3.12
N GLY A 31 -6.26 -1.74 3.25
CA GLY A 31 -6.26 -0.51 2.44
C GLY A 31 -4.90 0.19 2.45
N GLY A 32 -4.86 1.30 1.73
CA GLY A 32 -3.77 2.28 1.80
C GLY A 32 -3.84 3.28 0.64
N ASN A 33 -2.78 4.06 0.51
CA ASN A 33 -2.61 5.04 -0.60
C ASN A 33 -1.15 5.47 -0.77
N CYS A 34 -0.93 6.07 -1.93
CA CYS A 34 0.38 6.65 -2.28
C CYS A 34 0.48 8.05 -1.64
N ASP A 35 1.24 8.05 -0.55
CA ASP A 35 1.20 9.10 0.48
C ASP A 35 2.16 10.27 0.23
N GLY A 36 1.53 11.34 -0.24
CA GLY A 36 2.16 12.64 -0.53
C GLY A 36 2.80 12.60 -1.93
N PRO A 37 4.13 12.50 -2.03
CA PRO A 37 4.81 12.22 -3.31
C PRO A 37 4.52 10.77 -3.72
N PHE A 38 4.31 10.62 -5.04
CA PHE A 38 3.88 9.37 -5.68
C PHE A 38 4.97 8.30 -5.91
N ARG A 39 5.73 8.09 -4.86
CA ARG A 39 6.77 7.04 -4.80
C ARG A 39 6.52 5.96 -3.75
N ARG A 40 5.94 6.36 -2.63
CA ARG A 40 5.73 5.46 -1.49
C ARG A 40 4.26 5.13 -1.23
N CYS A 41 4.07 3.83 -1.16
CA CYS A 41 2.76 3.19 -0.94
C CYS A 41 2.72 2.54 0.44
N LYS A 42 1.99 3.22 1.30
CA LYS A 42 1.71 2.74 2.66
C LYS A 42 0.34 2.11 2.77
N CYS A 43 0.37 1.03 3.53
CA CYS A 43 -0.77 0.11 3.64
C CYS A 43 -1.02 -0.38 5.06
N ILE A 44 -2.31 -0.46 5.31
CA ILE A 44 -2.92 -0.73 6.63
C ILE A 44 -3.61 -2.09 6.65
N ARG A 45 -3.47 -2.74 7.81
CA ARG A 45 -4.04 -4.06 8.10
C ARG A 45 -4.00 -4.30 9.62
N GLN A 46 -4.74 -5.31 10.02
CA GLN A 46 -4.52 -5.97 11.33
C GLN A 46 -4.03 -7.38 11.03
N CYS A 47 -2.76 -7.60 11.35
CA CYS A 47 -2.12 -8.93 11.16
C CYS A 47 -2.69 -10.01 12.10
N LYS A 1 -5.38 -2.76 16.31
CA LYS A 1 -4.00 -2.42 15.91
C LYS A 1 -3.78 -2.26 14.41
N ILE A 2 -3.27 -1.09 14.08
CA ILE A 2 -3.00 -0.70 12.69
C ILE A 2 -1.57 -1.08 12.31
N CYS A 3 -1.54 -2.18 11.58
CA CYS A 3 -0.34 -2.67 10.89
C CYS A 3 -0.16 -1.90 9.58
N ARG A 4 1.05 -1.37 9.50
CA ARG A 4 1.51 -0.51 8.40
C ARG A 4 2.84 -1.06 7.88
N ARG A 5 2.80 -1.43 6.61
CA ARG A 5 4.01 -1.97 5.95
C ARG A 5 4.03 -1.74 4.44
N ARG A 6 5.22 -1.34 4.03
CA ARG A 6 5.67 -1.26 2.63
C ARG A 6 5.19 -2.49 1.84
N SER A 7 4.44 -2.21 0.78
CA SER A 7 3.74 -3.22 -0.05
C SER A 7 4.61 -4.35 -0.63
N ALA A 8 5.86 -4.00 -0.92
CA ALA A 8 6.91 -4.86 -1.52
C ALA A 8 6.70 -5.23 -2.99
N GLY A 9 5.47 -5.66 -3.33
CA GLY A 9 5.06 -6.01 -4.72
C GLY A 9 5.06 -4.79 -5.65
N PHE A 10 4.60 -3.67 -5.10
CA PHE A 10 4.51 -2.40 -5.84
C PHE A 10 5.80 -1.60 -5.57
N LYS A 11 6.81 -1.94 -6.37
CA LYS A 11 8.13 -1.30 -6.33
C LYS A 11 8.17 0.11 -6.93
N GLY A 12 8.12 1.01 -5.96
CA GLY A 12 8.28 2.45 -6.11
C GLY A 12 6.97 3.19 -6.43
N PRO A 13 6.88 3.84 -7.60
CA PRO A 13 5.84 4.85 -7.93
C PRO A 13 4.37 4.42 -7.93
N CYS A 14 3.66 5.08 -7.03
CA CYS A 14 2.18 5.08 -7.00
C CYS A 14 1.68 6.52 -7.20
N MET A 15 0.66 6.64 -8.03
CA MET A 15 0.03 7.95 -8.28
C MET A 15 -1.22 8.18 -7.42
N SER A 16 -2.03 7.13 -7.34
CA SER A 16 -3.29 7.13 -6.59
C SER A 16 -3.27 6.06 -5.49
N ASN A 17 -3.89 6.43 -4.37
CA ASN A 17 -4.21 5.54 -3.25
C ASN A 17 -4.77 4.17 -3.68
N LYS A 18 -5.66 4.22 -4.67
CA LYS A 18 -6.29 3.04 -5.27
C LYS A 18 -5.27 2.07 -5.89
N ASN A 19 -4.26 2.63 -6.56
CA ASN A 19 -3.17 1.86 -7.20
C ASN A 19 -2.37 1.06 -6.17
N CYS A 20 -1.99 1.74 -5.09
CA CYS A 20 -1.30 1.12 -3.94
C CYS A 20 -2.14 0.02 -3.26
N ALA A 21 -3.38 0.37 -2.92
CA ALA A 21 -4.38 -0.55 -2.32
C ALA A 21 -4.70 -1.78 -3.18
N GLN A 22 -4.77 -1.61 -4.49
CA GLN A 22 -4.99 -2.67 -5.49
C GLN A 22 -4.08 -3.90 -5.27
N VAL A 23 -2.78 -3.63 -5.29
CA VAL A 23 -1.70 -4.60 -5.03
C VAL A 23 -1.86 -5.24 -3.64
N CYS A 24 -2.13 -4.38 -2.66
CA CYS A 24 -2.24 -4.77 -1.25
C CYS A 24 -3.45 -5.62 -0.87
N GLN A 25 -4.58 -5.39 -1.53
CA GLN A 25 -5.78 -6.26 -1.40
C GLN A 25 -5.55 -7.68 -1.93
N GLN A 26 -4.83 -7.77 -3.04
CA GLN A 26 -4.33 -9.05 -3.59
C GLN A 26 -3.31 -9.70 -2.63
N GLU A 27 -2.48 -8.86 -2.03
CA GLU A 27 -1.43 -9.23 -1.06
C GLU A 27 -1.80 -9.43 0.42
N GLY A 28 -3.10 -9.37 0.71
CA GLY A 28 -3.67 -9.67 2.04
C GLY A 28 -3.57 -8.53 3.05
N TRP A 29 -3.55 -7.29 2.55
CA TRP A 29 -3.63 -6.06 3.35
C TRP A 29 -4.99 -5.42 3.05
N GLY A 30 -5.58 -4.85 4.11
CA GLY A 30 -6.92 -4.23 4.10
C GLY A 30 -6.94 -2.82 3.48
N GLY A 31 -6.18 -2.70 2.39
CA GLY A 31 -6.02 -1.48 1.59
C GLY A 31 -4.58 -0.96 1.73
N GLY A 32 -4.45 0.30 1.34
CA GLY A 32 -3.19 1.04 1.47
C GLY A 32 -3.28 2.36 0.72
N ASN A 33 -2.29 3.19 1.03
CA ASN A 33 -2.19 4.50 0.36
C ASN A 33 -0.78 4.83 -0.12
N CYS A 34 -0.82 5.78 -1.04
CA CYS A 34 0.36 6.31 -1.70
C CYS A 34 0.90 7.45 -0.84
N ASP A 35 2.04 7.14 -0.24
CA ASP A 35 2.68 7.99 0.79
C ASP A 35 3.86 8.84 0.28
N GLY A 36 3.93 10.02 0.89
CA GLY A 36 5.12 10.90 0.89
C GLY A 36 5.56 11.32 -0.52
N PRO A 37 6.78 10.95 -0.95
CA PRO A 37 7.31 11.31 -2.28
C PRO A 37 6.68 10.54 -3.46
N PHE A 38 5.55 9.87 -3.20
CA PHE A 38 4.70 9.12 -4.16
C PHE A 38 5.32 7.83 -4.72
N ARG A 39 6.63 7.75 -4.68
CA ARG A 39 7.42 6.52 -4.90
C ARG A 39 7.41 5.55 -3.70
N ARG A 40 6.34 5.62 -2.92
CA ARG A 40 6.12 4.81 -1.71
C ARG A 40 4.67 4.29 -1.61
N CYS A 41 4.57 2.97 -1.57
CA CYS A 41 3.28 2.30 -1.39
C CYS A 41 3.23 1.58 -0.03
N LYS A 42 2.49 2.20 0.86
CA LYS A 42 2.36 1.71 2.24
C LYS A 42 0.92 1.29 2.53
N CYS A 43 0.87 0.06 3.01
CA CYS A 43 -0.40 -0.63 3.15
C CYS A 43 -0.83 -0.89 4.58
N ILE A 44 -2.15 -0.93 4.69
CA ILE A 44 -2.86 -0.87 5.97
C ILE A 44 -3.56 -2.20 6.23
N ARG A 45 -3.48 -2.57 7.49
CA ARG A 45 -4.17 -3.76 8.00
C ARG A 45 -4.65 -3.47 9.41
N GLN A 46 -5.78 -4.08 9.72
CA GLN A 46 -6.17 -4.20 11.13
C GLN A 46 -5.76 -5.61 11.60
N CYS A 47 -4.69 -5.55 12.38
CA CYS A 47 -4.08 -6.73 13.02
C CYS A 47 -4.88 -7.19 14.26
N LYS A 1 -3.64 -3.16 17.06
CA LYS A 1 -2.47 -2.65 16.33
C LYS A 1 -2.72 -2.43 14.83
N ILE A 2 -2.08 -1.38 14.35
CA ILE A 2 -2.20 -0.95 12.94
C ILE A 2 -0.93 -1.33 12.20
N CYS A 3 -1.10 -2.33 11.34
CA CYS A 3 -0.01 -2.78 10.45
C CYS A 3 0.04 -1.94 9.17
N ARG A 4 1.21 -1.34 9.05
CA ARG A 4 1.58 -0.44 7.94
C ARG A 4 2.88 -0.88 7.28
N ARG A 5 2.77 -1.67 6.21
CA ARG A 5 3.99 -2.18 5.55
C ARG A 5 4.10 -1.82 4.08
N ARG A 6 5.36 -1.76 3.65
CA ARG A 6 5.67 -1.65 2.21
C ARG A 6 5.10 -2.83 1.47
N SER A 7 4.50 -2.49 0.34
CA SER A 7 3.89 -3.52 -0.50
C SER A 7 4.94 -4.47 -1.07
N ALA A 8 4.67 -5.76 -0.93
CA ALA A 8 5.53 -6.84 -1.44
C ALA A 8 5.09 -7.17 -2.88
N GLY A 9 5.61 -6.28 -3.72
CA GLY A 9 5.29 -6.28 -5.16
C GLY A 9 5.11 -4.84 -5.66
N PHE A 10 4.41 -4.00 -4.90
CA PHE A 10 4.36 -2.58 -5.28
C PHE A 10 5.35 -1.73 -4.48
N LYS A 11 6.60 -2.14 -4.64
CA LYS A 11 7.76 -1.47 -4.00
C LYS A 11 8.29 -0.35 -4.88
N GLY A 12 7.56 0.74 -4.79
CA GLY A 12 7.97 1.97 -5.49
C GLY A 12 6.77 2.70 -6.09
N PRO A 13 6.98 3.32 -7.27
CA PRO A 13 6.09 4.38 -7.79
C PRO A 13 4.59 4.04 -7.89
N CYS A 14 3.87 4.52 -6.88
CA CYS A 14 2.41 4.59 -6.93
C CYS A 14 1.91 6.01 -7.23
N MET A 15 1.30 6.12 -8.41
CA MET A 15 0.82 7.42 -8.94
C MET A 15 -0.60 7.84 -8.51
N SER A 16 -1.25 6.94 -7.78
CA SER A 16 -2.53 7.17 -7.11
C SER A 16 -2.67 6.15 -5.97
N ASN A 17 -3.25 6.64 -4.88
CA ASN A 17 -3.65 5.82 -3.73
C ASN A 17 -4.55 4.62 -4.08
N LYS A 18 -5.40 4.80 -5.10
CA LYS A 18 -6.21 3.74 -5.70
C LYS A 18 -5.32 2.54 -6.14
N ASN A 19 -4.24 2.88 -6.84
CA ASN A 19 -3.23 1.94 -7.37
C ASN A 19 -2.54 1.06 -6.30
N CYS A 20 -2.03 1.70 -5.25
CA CYS A 20 -1.35 0.99 -4.14
C CYS A 20 -2.31 0.00 -3.45
N ALA A 21 -3.51 0.52 -3.19
CA ALA A 21 -4.61 -0.27 -2.59
C ALA A 21 -4.98 -1.48 -3.46
N GLN A 22 -5.05 -1.26 -4.78
CA GLN A 22 -5.31 -2.31 -5.78
C GLN A 22 -4.37 -3.53 -5.71
N VAL A 23 -3.06 -3.26 -5.63
CA VAL A 23 -2.07 -4.36 -5.50
C VAL A 23 -2.12 -4.97 -4.10
N CYS A 24 -2.31 -4.14 -3.08
CA CYS A 24 -2.37 -4.58 -1.68
C CYS A 24 -3.57 -5.45 -1.30
N GLN A 25 -4.67 -5.26 -2.01
CA GLN A 25 -5.85 -6.12 -1.87
C GLN A 25 -5.60 -7.52 -2.44
N GLN A 26 -5.00 -7.58 -3.63
CA GLN A 26 -4.49 -8.83 -4.20
C GLN A 26 -3.38 -9.48 -3.34
N GLU A 27 -2.55 -8.63 -2.73
CA GLU A 27 -1.37 -9.01 -1.91
C GLU A 27 -1.72 -9.63 -0.55
N GLY A 28 -2.87 -9.22 -0.01
CA GLY A 28 -3.42 -9.70 1.28
C GLY A 28 -3.39 -8.63 2.38
N TRP A 29 -3.79 -7.43 2.00
CA TRP A 29 -3.95 -6.27 2.90
C TRP A 29 -5.38 -5.74 2.81
N GLY A 30 -5.75 -5.04 3.89
CA GLY A 30 -7.08 -4.42 4.05
C GLY A 30 -7.15 -3.00 3.47
N GLY A 31 -6.39 -2.79 2.39
CA GLY A 31 -6.27 -1.51 1.66
C GLY A 31 -4.78 -1.15 1.58
N GLY A 32 -4.55 0.06 1.10
CA GLY A 32 -3.23 0.71 1.19
C GLY A 32 -3.32 2.15 0.69
N ASN A 33 -2.36 2.93 1.19
CA ASN A 33 -2.20 4.33 0.80
C ASN A 33 -0.83 4.55 0.15
N CYS A 34 -0.82 5.46 -0.82
CA CYS A 34 0.44 5.92 -1.41
C CYS A 34 0.79 7.23 -0.70
N ASP A 35 1.96 7.19 -0.07
CA ASP A 35 2.44 8.23 0.84
C ASP A 35 2.98 9.46 0.09
N GLY A 36 2.18 10.53 0.12
CA GLY A 36 2.56 11.92 -0.24
C GLY A 36 3.27 12.08 -1.59
N PRO A 37 4.61 12.13 -1.58
CA PRO A 37 5.41 11.96 -2.81
C PRO A 37 5.23 10.54 -3.36
N PHE A 38 4.85 10.46 -4.63
CA PHE A 38 4.19 9.28 -5.25
C PHE A 38 5.08 8.09 -5.64
N ARG A 39 5.94 7.80 -4.70
CA ARG A 39 6.95 6.74 -4.77
C ARG A 39 6.73 5.57 -3.81
N ARG A 40 6.02 5.83 -2.72
CA ARG A 40 5.92 4.89 -1.60
C ARG A 40 4.53 4.27 -1.41
N CYS A 41 4.49 2.97 -1.61
CA CYS A 41 3.28 2.18 -1.39
C CYS A 41 3.23 1.48 -0.02
N LYS A 42 2.39 2.08 0.82
CA LYS A 42 2.23 1.72 2.23
C LYS A 42 0.86 1.18 2.54
N CYS A 43 0.88 -0.08 2.90
CA CYS A 43 -0.37 -0.85 2.99
C CYS A 43 -0.83 -1.16 4.39
N ILE A 44 -2.14 -1.04 4.50
CA ILE A 44 -2.85 -1.08 5.79
C ILE A 44 -3.49 -2.45 6.09
N ARG A 45 -3.57 -2.63 7.39
CA ARG A 45 -4.16 -3.79 8.04
C ARG A 45 -4.45 -3.43 9.50
N GLN A 46 -5.51 -4.01 9.99
CA GLN A 46 -5.80 -4.01 11.44
C GLN A 46 -5.42 -5.39 11.97
N CYS A 47 -4.41 -5.32 12.81
CA CYS A 47 -3.45 -6.41 13.09
C CYS A 47 -3.41 -6.91 14.55
N LYS A 1 -2.32 -2.66 17.28
CA LYS A 1 -1.42 -2.28 16.19
C LYS A 1 -2.00 -2.49 14.77
N ILE A 2 -1.48 -1.67 13.88
CA ILE A 2 -1.74 -1.76 12.43
C ILE A 2 -0.39 -1.96 11.75
N CYS A 3 -0.36 -2.94 10.86
CA CYS A 3 0.76 -3.11 9.91
C CYS A 3 0.52 -2.16 8.74
N ARG A 4 1.21 -1.03 8.86
CA ARG A 4 1.22 0.02 7.83
C ARG A 4 2.54 0.02 7.03
N ARG A 5 2.77 -1.14 6.42
CA ARG A 5 4.04 -1.49 5.79
C ARG A 5 3.97 -1.45 4.26
N ARG A 6 5.14 -1.19 3.67
CA ARG A 6 5.32 -1.22 2.20
C ARG A 6 4.86 -2.56 1.59
N SER A 7 4.18 -2.45 0.44
CA SER A 7 3.64 -3.61 -0.29
C SER A 7 4.75 -4.52 -0.84
N ALA A 8 4.69 -5.77 -0.38
CA ALA A 8 5.52 -6.88 -0.91
C ALA A 8 4.90 -7.35 -2.24
N GLY A 9 5.10 -6.47 -3.21
CA GLY A 9 4.47 -6.50 -4.54
C GLY A 9 4.63 -5.15 -5.22
N PHE A 10 3.92 -4.16 -4.68
CA PHE A 10 3.97 -2.80 -5.25
C PHE A 10 5.11 -2.00 -4.59
N LYS A 11 6.30 -2.43 -5.00
CA LYS A 11 7.58 -1.88 -4.50
C LYS A 11 7.98 -0.61 -5.24
N GLY A 12 7.57 0.50 -4.62
CA GLY A 12 7.89 1.85 -5.10
C GLY A 12 6.70 2.58 -5.78
N PRO A 13 6.76 2.78 -7.11
CA PRO A 13 5.91 3.73 -7.85
C PRO A 13 4.39 3.46 -7.81
N CYS A 14 3.77 4.28 -6.99
CA CYS A 14 2.32 4.37 -6.76
C CYS A 14 1.77 5.71 -7.28
N MET A 15 1.18 5.59 -8.45
CA MET A 15 0.60 6.73 -9.20
C MET A 15 -0.66 7.36 -8.57
N SER A 16 -1.29 6.58 -7.69
CA SER A 16 -2.39 7.04 -6.81
C SER A 16 -2.49 6.10 -5.59
N ASN A 17 -3.06 6.66 -4.53
CA ASN A 17 -3.47 5.88 -3.34
C ASN A 17 -4.42 4.74 -3.72
N LYS A 18 -5.26 5.01 -4.71
CA LYS A 18 -6.21 4.06 -5.29
C LYS A 18 -5.46 2.84 -5.86
N ASN A 19 -4.50 3.11 -6.74
CA ASN A 19 -3.53 2.13 -7.29
C ASN A 19 -2.84 1.27 -6.24
N CYS A 20 -2.34 1.94 -5.20
CA CYS A 20 -1.65 1.31 -4.05
C CYS A 20 -2.58 0.36 -3.27
N ALA A 21 -3.79 0.83 -3.01
CA ALA A 21 -4.87 0.07 -2.36
C ALA A 21 -5.33 -1.13 -3.20
N GLN A 22 -5.50 -0.90 -4.50
CA GLN A 22 -5.91 -1.92 -5.49
C GLN A 22 -4.96 -3.13 -5.50
N VAL A 23 -3.66 -2.86 -5.66
CA VAL A 23 -2.62 -3.92 -5.66
C VAL A 23 -2.57 -4.62 -4.30
N CYS A 24 -2.62 -3.85 -3.23
CA CYS A 24 -2.66 -4.38 -1.85
C CYS A 24 -3.84 -5.30 -1.52
N GLN A 25 -4.98 -5.04 -2.14
CA GLN A 25 -6.17 -5.92 -2.02
C GLN A 25 -5.97 -7.32 -2.60
N GLN A 26 -5.33 -7.36 -3.77
CA GLN A 26 -4.82 -8.60 -4.37
C GLN A 26 -3.69 -9.22 -3.52
N GLU A 27 -2.73 -8.39 -3.12
CA GLU A 27 -1.51 -8.82 -2.42
C GLU A 27 -1.72 -9.43 -1.02
N GLY A 28 -2.74 -8.98 -0.30
CA GLY A 28 -3.11 -9.49 1.04
C GLY A 28 -3.18 -8.44 2.15
N TRP A 29 -3.56 -7.22 1.76
CA TRP A 29 -3.74 -6.07 2.65
C TRP A 29 -5.16 -5.55 2.43
N GLY A 30 -5.70 -4.95 3.49
CA GLY A 30 -7.08 -4.42 3.53
C GLY A 30 -7.19 -2.97 3.01
N GLY A 31 -6.41 -2.71 1.96
CA GLY A 31 -6.25 -1.39 1.31
C GLY A 31 -4.86 -0.82 1.62
N GLY A 32 -4.73 0.46 1.31
CA GLY A 32 -3.51 1.25 1.60
C GLY A 32 -3.39 2.56 0.82
N ASN A 33 -2.31 3.27 1.14
CA ASN A 33 -2.03 4.64 0.69
C ASN A 33 -0.69 4.79 -0.04
N CYS A 34 -0.67 5.71 -0.99
CA CYS A 34 0.59 6.18 -1.60
C CYS A 34 1.04 7.38 -0.76
N ASP A 35 1.97 7.10 0.14
CA ASP A 35 2.37 8.02 1.21
C ASP A 35 3.23 9.20 0.73
N GLY A 36 2.55 10.31 0.45
CA GLY A 36 3.14 11.60 0.06
C GLY A 36 3.83 11.54 -1.32
N PRO A 37 5.15 11.32 -1.36
CA PRO A 37 5.87 11.06 -2.63
C PRO A 37 5.33 9.77 -3.23
N PHE A 38 5.24 9.82 -4.55
CA PHE A 38 4.57 8.78 -5.36
C PHE A 38 5.30 7.44 -5.49
N ARG A 39 6.30 7.25 -4.64
CA ARG A 39 7.14 6.04 -4.62
C ARG A 39 7.01 5.20 -3.32
N ARG A 40 6.06 5.56 -2.45
CA ARG A 40 5.85 4.83 -1.19
C ARG A 40 4.44 4.28 -0.99
N CYS A 41 4.26 3.07 -1.51
CA CYS A 41 3.00 2.34 -1.31
C CYS A 41 2.98 1.59 0.04
N LYS A 42 2.25 2.21 0.95
CA LYS A 42 2.13 1.76 2.36
C LYS A 42 0.69 1.31 2.63
N CYS A 43 0.60 0.02 2.91
CA CYS A 43 -0.68 -0.71 3.00
C CYS A 43 -1.06 -1.20 4.39
N ILE A 44 -2.34 -1.52 4.56
CA ILE A 44 -2.94 -1.69 5.90
C ILE A 44 -3.43 -3.11 6.24
N ARG A 45 -3.05 -3.51 7.45
CA ARG A 45 -3.52 -4.74 8.12
C ARG A 45 -3.59 -4.58 9.64
N GLN A 46 -4.47 -5.35 10.26
CA GLN A 46 -4.62 -5.32 11.73
C GLN A 46 -3.68 -6.35 12.39
N CYS A 47 -2.78 -5.80 13.19
CA CYS A 47 -1.64 -6.57 13.73
C CYS A 47 -1.51 -6.61 15.27
#